data_7QU8
#
_entry.id   7QU8
#
_cell.length_a   96.278
_cell.length_b   96.278
_cell.length_c   172.838
_cell.angle_alpha   90.000
_cell.angle_beta   90.000
_cell.angle_gamma   90.000
#
_symmetry.space_group_name_H-M   'P 43 21 2'
#
_entity_poly.entity_id   1
_entity_poly.type   'polypeptide(L)'
_entity_poly.pdbx_seq_one_letter_code
;MATPRGLGALLLLLLLPTSGQEKPTEGPRNTCLGSNNMYDIFNLNDKALCFTKCRQSGSDSCNVENLQRYWLNYEAHLMK
EGLTQKVNTPFLKALVQNLSTNTAEDFYFSLEPSQVPRQVMKDEDKPPDRVRLPKSLFRSLPGNRSVVRLAVTILDIGPG
TLFKGPRLGLGDGSGVLNNRLVGLSVGQMHVTKLAEPLEIVFSHQRPPPNMTLTCVFWDVTKGTTGDWSSEGCSTEVRPE
GTVCCCDHLTFFALLLRPTLDQSTTKHHHHHH
;
_entity_poly.pdbx_strand_id   A,B,C,D
#
# COMPACT_ATOMS: atom_id res chain seq x y z
N PRO A 28 6.49 26.26 32.14
CA PRO A 28 5.95 26.41 30.78
C PRO A 28 6.65 25.52 29.76
N ARG A 29 7.96 25.31 29.97
CA ARG A 29 8.80 24.50 29.09
C ARG A 29 8.64 23.01 29.39
N ASN A 30 8.08 22.69 30.57
CA ASN A 30 8.06 21.36 31.15
C ASN A 30 6.96 20.49 30.52
N THR A 31 6.03 21.11 29.79
CA THR A 31 4.82 20.48 29.28
C THR A 31 5.10 19.64 28.03
N CYS A 32 6.14 20.01 27.26
CA CYS A 32 6.52 19.36 26.02
C CYS A 32 7.41 18.15 26.29
N LEU A 33 8.48 18.33 27.07
CA LEU A 33 9.37 17.27 27.51
C LEU A 33 8.58 16.29 28.38
N GLY A 34 8.35 15.08 27.88
CA GLY A 34 7.65 14.03 28.61
C GLY A 34 6.13 14.13 28.44
N SER A 35 5.44 12.99 28.65
CA SER A 35 4.00 12.86 28.52
C SER A 35 3.35 12.75 29.90
N ASN A 36 2.01 12.84 29.92
CA ASN A 36 1.19 12.71 31.12
C ASN A 36 -0.07 11.92 30.77
N ASN A 37 -0.59 11.21 31.77
CA ASN A 37 -1.71 10.29 31.57
C ASN A 37 -3.00 11.07 31.34
N MET A 38 -3.05 12.30 31.85
CA MET A 38 -4.26 13.13 31.88
C MET A 38 -4.54 13.70 30.50
N TYR A 39 -5.79 13.51 30.04
CA TYR A 39 -6.32 13.95 28.76
C TYR A 39 -7.58 14.80 28.97
N ASP A 40 -7.55 15.69 29.97
CA ASP A 40 -8.62 16.61 30.27
C ASP A 40 -8.60 17.73 29.23
N ILE A 41 -9.74 18.41 29.06
CA ILE A 41 -9.93 19.47 28.07
C ILE A 41 -8.83 20.52 28.24
N PHE A 42 -8.48 20.82 29.49
CA PHE A 42 -7.42 21.75 29.87
C PHE A 42 -6.06 21.19 29.47
N ASN A 43 -5.78 19.94 29.87
CA ASN A 43 -4.50 19.27 29.65
C ASN A 43 -4.18 19.09 28.16
N LEU A 44 -5.20 18.73 27.36
CA LEU A 44 -5.10 18.60 25.92
C LEU A 44 -4.55 19.87 25.31
N ASN A 45 -5.17 21.00 25.67
CA ASN A 45 -4.82 22.32 25.16
C ASN A 45 -3.38 22.67 25.49
N ASP A 46 -2.94 22.34 26.71
CA ASP A 46 -1.58 22.59 27.18
C ASP A 46 -0.55 21.89 26.30
N LYS A 47 -0.85 20.64 25.89
CA LYS A 47 0.03 19.83 25.05
C LYS A 47 -0.09 20.21 23.57
N ALA A 48 -1.18 20.90 23.21
CA ALA A 48 -1.43 21.37 21.86
C ALA A 48 -0.47 22.50 21.50
N LEU A 49 0.13 23.13 22.52
CA LEU A 49 1.21 24.10 22.39
C LEU A 49 2.34 23.49 21.58
N CYS A 50 2.78 22.30 21.99
CA CYS A 50 3.96 21.61 21.51
C CYS A 50 3.95 21.44 19.99
N PHE A 51 2.76 21.35 19.40
CA PHE A 51 2.58 21.16 17.97
C PHE A 51 3.32 22.23 17.17
N THR A 52 3.33 23.47 17.69
CA THR A 52 3.94 24.64 17.07
C THR A 52 5.26 25.02 17.74
N LYS A 53 5.38 24.72 19.04
CA LYS A 53 6.55 24.99 19.86
C LYS A 53 7.75 24.20 19.35
N CYS A 54 7.53 23.00 18.79
CA CYS A 54 8.62 22.09 18.47
C CYS A 54 9.10 22.22 17.04
N ARG A 55 9.98 23.19 16.80
CA ARG A 55 10.60 23.38 15.50
C ARG A 55 11.61 22.27 15.22
N GLN A 56 11.93 22.12 13.92
CA GLN A 56 12.89 21.15 13.44
C GLN A 56 14.17 21.20 14.26
N SER A 57 14.49 22.40 14.74
CA SER A 57 15.73 22.62 15.48
C SER A 57 15.71 21.81 16.77
N GLY A 58 16.85 21.21 17.13
CA GLY A 58 16.98 20.53 18.40
C GLY A 58 16.70 21.50 19.54
N SER A 59 15.83 21.09 20.46
CA SER A 59 15.40 21.98 21.53
C SER A 59 15.34 21.23 22.86
N ASP A 60 15.41 22.01 23.95
CA ASP A 60 15.28 21.50 25.30
C ASP A 60 13.89 20.88 25.43
N SER A 61 12.91 21.55 24.82
CA SER A 61 11.50 21.35 25.10
C SER A 61 10.92 20.09 24.44
N CYS A 62 11.43 19.65 23.28
CA CYS A 62 10.65 18.63 22.63
C CYS A 62 11.14 17.19 22.82
N ASN A 63 10.28 16.38 23.43
CA ASN A 63 10.49 14.96 23.46
C ASN A 63 9.55 14.41 22.40
N VAL A 64 10.04 14.35 21.16
CA VAL A 64 9.15 14.14 20.03
C VAL A 64 8.34 12.86 20.19
N GLU A 65 9.05 11.77 20.52
CA GLU A 65 8.47 10.44 20.61
C GLU A 65 7.51 10.32 21.80
N ASN A 66 7.76 11.07 22.88
CA ASN A 66 6.90 11.10 24.06
C ASN A 66 5.57 11.77 23.75
N LEU A 67 5.63 12.88 23.01
CA LEU A 67 4.45 13.69 22.69
C LEU A 67 3.54 12.96 21.71
N GLN A 68 4.13 12.41 20.64
CA GLN A 68 3.37 11.70 19.63
C GLN A 68 2.90 10.33 20.15
N ARG A 69 3.48 9.88 21.27
CA ARG A 69 2.96 8.75 22.04
C ARG A 69 1.70 9.18 22.77
N TYR A 70 1.77 10.33 23.46
CA TYR A 70 0.65 10.97 24.15
C TYR A 70 -0.59 11.02 23.26
N TRP A 71 -0.45 11.67 22.11
CA TRP A 71 -1.53 11.83 21.14
C TRP A 71 -2.03 10.49 20.60
N LEU A 72 -1.09 9.54 20.40
CA LEU A 72 -1.42 8.21 19.93
C LEU A 72 -2.27 7.45 20.94
N ASN A 73 -2.04 7.73 22.24
CA ASN A 73 -2.72 7.07 23.34
C ASN A 73 -4.06 7.72 23.67
N TYR A 74 -4.34 8.90 23.09
CA TYR A 74 -5.59 9.61 23.32
C TYR A 74 -6.76 8.80 22.79
N GLU A 75 -6.65 8.34 21.53
CA GLU A 75 -7.70 7.55 20.92
C GLU A 75 -7.93 6.26 21.70
N ALA A 76 -6.89 5.77 22.38
CA ALA A 76 -6.99 4.67 23.33
C ALA A 76 -7.84 5.09 24.53
N HIS A 77 -7.48 6.21 25.16
CA HIS A 77 -8.19 6.77 26.31
C HIS A 77 -9.67 6.99 26.01
N LEU A 78 -10.01 7.34 24.75
CA LEU A 78 -11.37 7.55 24.33
C LEU A 78 -12.09 6.21 24.28
N MET A 79 -11.39 5.20 23.73
CA MET A 79 -11.95 3.86 23.62
C MET A 79 -12.21 3.26 25.01
N LYS A 80 -11.34 3.56 25.97
CA LYS A 80 -11.42 2.98 27.30
C LYS A 80 -12.74 3.35 27.97
N GLU A 81 -13.15 4.62 27.87
CA GLU A 81 -14.41 5.02 28.45
C GLU A 81 -15.54 4.70 27.47
N GLY A 82 -16.57 4.03 27.97
CA GLY A 82 -17.69 3.63 27.12
C GLY A 82 -18.73 4.73 27.02
N LEU A 83 -18.34 5.86 26.43
CA LEU A 83 -19.25 7.00 26.38
C LEU A 83 -19.37 7.53 24.95
N THR A 84 -20.62 7.73 24.53
CA THR A 84 -20.86 8.42 23.28
C THR A 84 -20.59 9.90 23.53
N GLN A 85 -19.38 10.35 23.19
CA GLN A 85 -18.98 11.72 23.49
C GLN A 85 -18.44 12.40 22.24
N LYS A 86 -18.58 13.75 22.18
CA LYS A 86 -18.02 14.59 21.13
C LYS A 86 -17.09 15.63 21.76
N VAL A 87 -15.86 15.73 21.22
CA VAL A 87 -14.89 16.77 21.56
C VAL A 87 -14.74 17.71 20.37
N ASN A 88 -14.50 19.00 20.64
CA ASN A 88 -14.47 20.04 19.63
C ASN A 88 -13.58 21.19 20.09
N THR A 89 -12.26 20.98 20.08
CA THR A 89 -11.25 22.00 20.31
C THR A 89 -10.83 22.58 18.97
N PRO A 90 -10.06 23.70 18.91
CA PRO A 90 -9.63 24.26 17.63
C PRO A 90 -8.61 23.41 16.87
N PHE A 91 -8.03 22.41 17.55
CA PHE A 91 -7.03 21.50 16.99
C PHE A 91 -7.58 20.06 16.83
N LEU A 92 -8.18 19.52 17.90
CA LEU A 92 -8.63 18.14 17.98
C LEU A 92 -10.16 18.11 17.97
N LYS A 93 -10.75 17.42 16.99
CA LYS A 93 -12.18 17.08 16.95
C LYS A 93 -12.32 15.55 17.02
N ALA A 94 -12.98 15.05 18.08
CA ALA A 94 -13.11 13.64 18.38
C ALA A 94 -14.59 13.23 18.42
N LEU A 95 -14.91 12.04 17.87
CA LEU A 95 -16.20 11.38 17.97
C LEU A 95 -16.03 9.93 18.42
N VAL A 96 -16.48 9.61 19.64
CA VAL A 96 -16.63 8.25 20.13
C VAL A 96 -18.12 7.90 20.11
N GLN A 97 -18.48 6.73 19.55
CA GLN A 97 -19.84 6.20 19.53
C GLN A 97 -19.82 4.69 19.29
N ASN A 98 -21.00 4.05 19.34
CA ASN A 98 -21.17 2.61 19.18
C ASN A 98 -21.76 2.30 17.80
N LEU A 99 -21.31 1.20 17.17
CA LEU A 99 -21.81 0.70 15.90
C LEU A 99 -22.54 -0.62 16.12
N SER A 100 -23.75 -0.74 15.54
CA SER A 100 -24.56 -1.94 15.62
C SER A 100 -24.08 -2.98 14.61
N THR A 101 -23.73 -4.17 15.12
CA THR A 101 -23.34 -5.34 14.32
C THR A 101 -24.55 -5.84 13.54
N ASN A 102 -24.30 -6.47 12.38
CA ASN A 102 -25.31 -6.96 11.46
C ASN A 102 -26.19 -5.81 10.98
N THR A 103 -25.53 -4.72 10.55
CA THR A 103 -26.19 -3.54 10.00
C THR A 103 -26.53 -3.72 8.52
N ALA A 104 -25.75 -4.57 7.84
CA ALA A 104 -25.87 -4.86 6.41
C ALA A 104 -25.71 -3.61 5.56
N GLU A 105 -24.89 -2.67 6.03
CA GLU A 105 -24.63 -1.38 5.39
C GLU A 105 -23.23 -0.89 5.76
N ASP A 106 -22.54 -0.27 4.80
CA ASP A 106 -21.24 0.36 5.03
C ASP A 106 -21.45 1.67 5.80
N PHE A 107 -20.72 1.84 6.92
CA PHE A 107 -20.79 3.03 7.76
C PHE A 107 -19.97 4.17 7.16
N TYR A 108 -20.64 5.31 6.88
CA TYR A 108 -20.03 6.54 6.39
C TYR A 108 -19.93 7.57 7.52
N PHE A 109 -18.88 8.42 7.47
CA PHE A 109 -18.63 9.46 8.47
C PHE A 109 -18.09 10.72 7.78
N SER A 110 -18.43 11.90 8.32
CA SER A 110 -18.05 13.21 7.79
C SER A 110 -16.81 13.74 8.50
N LEU A 111 -15.67 13.71 7.77
CA LEU A 111 -14.39 14.18 8.28
C LEU A 111 -14.16 15.63 7.85
N GLU A 112 -15.21 16.46 7.94
CA GLU A 112 -15.12 17.88 7.71
C GLU A 112 -14.22 18.50 8.78
N PRO A 113 -13.12 19.17 8.40
CA PRO A 113 -12.10 19.58 9.37
C PRO A 113 -12.59 20.65 10.35
N SER A 114 -13.57 21.44 9.91
CA SER A 114 -14.17 22.52 10.68
C SER A 114 -14.97 21.99 11.86
N GLN A 115 -15.68 20.88 11.67
CA GLN A 115 -16.69 20.35 12.59
C GLN A 115 -16.31 18.94 13.05
N VAL A 116 -16.77 18.58 14.27
CA VAL A 116 -16.68 17.24 14.84
C VAL A 116 -17.27 16.24 13.86
N PRO A 117 -16.70 15.02 13.72
CA PRO A 117 -17.24 14.04 12.76
C PRO A 117 -18.63 13.57 13.17
N ARG A 118 -19.45 13.25 12.15
CA ARG A 118 -20.83 12.82 12.31
C ARG A 118 -21.14 11.71 11.30
N GLN A 119 -21.93 10.71 11.71
CA GLN A 119 -22.30 9.63 10.81
C GLN A 119 -23.24 10.15 9.73
N VAL A 120 -22.98 9.77 8.48
CA VAL A 120 -23.79 10.22 7.36
C VAL A 120 -24.90 9.19 7.11
N MET A 121 -26.08 9.69 6.77
CA MET A 121 -27.18 8.79 6.47
C MET A 121 -27.21 8.51 4.96
N LYS A 122 -27.94 7.46 4.59
CA LYS A 122 -27.93 6.91 3.23
C LYS A 122 -28.43 7.95 2.22
N ASP A 123 -29.40 8.78 2.62
CA ASP A 123 -30.12 9.71 1.75
C ASP A 123 -29.45 11.08 1.71
N GLU A 124 -28.35 11.25 2.47
CA GLU A 124 -27.59 12.49 2.47
C GLU A 124 -26.52 12.47 1.39
N ASP A 125 -26.30 13.65 0.78
CA ASP A 125 -25.17 13.88 -0.10
C ASP A 125 -23.86 13.51 0.61
N LYS A 126 -23.00 12.77 -0.09
CA LYS A 126 -21.76 12.31 0.51
C LYS A 126 -20.81 13.50 0.68
N PRO A 127 -20.22 13.69 1.87
CA PRO A 127 -19.30 14.80 2.13
C PRO A 127 -17.97 14.73 1.38
N PRO A 128 -17.36 15.87 0.97
CA PRO A 128 -16.09 15.84 0.27
C PRO A 128 -15.03 15.10 1.08
N ASP A 129 -14.98 15.38 2.39
CA ASP A 129 -14.14 14.67 3.35
C ASP A 129 -14.99 13.66 4.11
N ARG A 130 -14.74 12.35 3.85
CA ARG A 130 -15.48 11.25 4.45
C ARG A 130 -14.62 9.99 4.59
N VAL A 131 -15.08 9.05 5.42
CA VAL A 131 -14.49 7.73 5.62
C VAL A 131 -15.60 6.68 5.61
N ARG A 132 -15.49 5.70 4.68
CA ARG A 132 -16.38 4.55 4.58
C ARG A 132 -15.72 3.35 5.26
N LEU A 133 -16.38 2.82 6.30
CA LEU A 133 -15.97 1.61 7.00
C LEU A 133 -16.83 0.43 6.56
N PRO A 134 -16.28 -0.55 5.81
CA PRO A 134 -17.07 -1.69 5.30
C PRO A 134 -17.69 -2.52 6.43
N LYS A 135 -18.74 -3.28 6.08
CA LYS A 135 -19.39 -4.15 7.06
C LYS A 135 -18.45 -5.31 7.41
N SER A 136 -17.31 -5.38 6.71
CA SER A 136 -16.36 -6.45 6.91
C SER A 136 -15.62 -6.30 8.23
N LEU A 137 -15.89 -5.22 8.96
CA LEU A 137 -15.16 -4.93 10.19
C LEU A 137 -15.45 -5.99 11.24
N PHE A 138 -16.70 -6.47 11.32
CA PHE A 138 -17.13 -7.37 12.38
C PHE A 138 -16.40 -8.70 12.31
N ARG A 139 -16.23 -9.22 11.08
CA ARG A 139 -15.57 -10.50 10.89
C ARG A 139 -14.11 -10.43 11.35
N SER A 140 -13.54 -9.22 11.37
CA SER A 140 -12.14 -9.02 11.75
C SER A 140 -11.98 -8.72 13.25
N LEU A 141 -12.96 -9.14 14.06
CA LEU A 141 -12.98 -8.93 15.50
C LEU A 141 -13.35 -10.24 16.23
N PRO A 142 -12.73 -10.52 17.41
CA PRO A 142 -13.02 -11.76 18.14
C PRO A 142 -14.46 -11.85 18.65
N GLY A 143 -15.06 -13.04 18.50
CA GLY A 143 -16.39 -13.37 19.02
C GLY A 143 -17.52 -12.78 18.20
N ASN A 144 -18.73 -13.35 18.34
CA ASN A 144 -19.96 -12.80 17.78
C ASN A 144 -20.31 -11.50 18.49
N ARG A 145 -19.95 -10.37 17.86
CA ARG A 145 -20.13 -9.03 18.38
C ARG A 145 -21.60 -8.63 18.33
N SER A 146 -22.07 -7.97 19.41
CA SER A 146 -23.38 -7.35 19.48
C SER A 146 -23.29 -5.87 19.12
N VAL A 147 -22.35 -5.17 19.78
CA VAL A 147 -22.05 -3.76 19.58
C VAL A 147 -20.56 -3.56 19.81
N VAL A 148 -19.92 -2.76 18.93
CA VAL A 148 -18.51 -2.39 19.03
C VAL A 148 -18.36 -0.86 19.07
N ARG A 149 -17.30 -0.39 19.74
CA ARG A 149 -17.04 1.03 19.96
C ARG A 149 -16.07 1.56 18.91
N LEU A 150 -16.42 2.67 18.24
CA LEU A 150 -15.63 3.35 17.22
C LEU A 150 -15.24 4.74 17.73
N ALA A 151 -14.02 5.19 17.38
CA ALA A 151 -13.47 6.48 17.83
C ALA A 151 -12.79 7.21 16.66
N VAL A 152 -13.56 8.08 15.98
CA VAL A 152 -13.10 8.85 14.84
C VAL A 152 -12.63 10.23 15.31
N THR A 153 -11.31 10.46 15.29
CA THR A 153 -10.68 11.72 15.68
C THR A 153 -10.02 12.35 14.46
N ILE A 154 -9.90 13.70 14.46
CA ILE A 154 -9.28 14.46 13.39
C ILE A 154 -8.42 15.57 13.99
N LEU A 155 -7.12 15.28 14.15
CA LEU A 155 -6.14 16.07 14.89
C LEU A 155 -5.37 16.99 13.95
N ASP A 156 -5.13 18.23 14.39
CA ASP A 156 -4.37 19.19 13.59
C ASP A 156 -2.96 19.33 14.13
N ILE A 157 -1.97 18.82 13.38
CA ILE A 157 -0.58 18.68 13.83
C ILE A 157 0.19 20.00 13.91
N GLY A 158 0.03 20.95 12.97
CA GLY A 158 0.84 22.17 13.03
C GLY A 158 2.21 21.96 12.36
N PRO A 159 3.09 22.98 12.31
CA PRO A 159 4.34 22.90 11.54
C PRO A 159 5.55 22.27 12.22
N GLY A 160 5.39 21.91 13.50
CA GLY A 160 6.44 21.30 14.29
C GLY A 160 6.64 19.82 13.94
N THR A 161 7.69 19.24 14.55
CA THR A 161 8.27 17.95 14.23
C THR A 161 7.35 16.79 14.58
N LEU A 162 6.35 17.04 15.44
CA LEU A 162 5.39 16.02 15.84
C LEU A 162 4.63 15.47 14.62
N PHE A 163 4.59 14.14 14.52
CA PHE A 163 3.91 13.41 13.44
C PHE A 163 4.39 13.87 12.07
N LYS A 164 5.71 13.95 11.90
CA LYS A 164 6.30 14.23 10.62
C LYS A 164 7.24 13.08 10.34
N GLY A 165 8.22 12.93 11.23
CA GLY A 165 9.12 11.81 11.17
C GLY A 165 10.29 12.06 10.22
N PRO A 166 11.18 11.07 10.05
CA PRO A 166 12.39 11.20 9.23
C PRO A 166 12.12 11.56 7.78
N ARG A 167 11.08 10.97 7.22
CA ARG A 167 10.80 11.11 5.80
C ARG A 167 10.50 12.56 5.40
N LEU A 168 9.73 13.28 6.23
CA LEU A 168 9.27 14.60 5.81
C LEU A 168 9.98 15.73 6.58
N GLY A 169 10.69 15.41 7.66
CA GLY A 169 11.50 16.39 8.37
C GLY A 169 12.48 17.09 7.44
N LEU A 170 12.62 16.58 6.21
CA LEU A 170 13.50 17.16 5.22
C LEU A 170 12.99 18.57 4.86
N GLY A 171 13.90 19.54 4.79
CA GLY A 171 13.54 20.87 4.32
C GLY A 171 13.18 20.85 2.83
N ASP A 172 12.13 21.59 2.46
CA ASP A 172 11.71 21.76 1.07
C ASP A 172 11.29 20.44 0.43
N GLY A 173 11.18 19.38 1.25
CA GLY A 173 10.80 18.05 0.78
C GLY A 173 9.29 17.83 0.69
N SER A 174 8.69 17.36 1.79
CA SER A 174 7.34 16.81 1.75
C SER A 174 6.57 17.12 3.03
N GLY A 175 5.24 16.89 3.08
CA GLY A 175 4.55 17.19 4.33
C GLY A 175 3.15 16.58 4.46
N VAL A 176 2.71 16.42 5.71
CA VAL A 176 1.36 16.00 5.95
C VAL A 176 0.49 17.11 5.38
N LEU A 177 -0.37 16.76 4.44
CA LEU A 177 -1.16 17.77 3.77
C LEU A 177 -2.01 18.46 4.83
N ASN A 178 -1.98 19.80 4.82
CA ASN A 178 -2.82 20.62 5.67
C ASN A 178 -2.48 20.42 7.15
N ASN A 179 -1.32 19.80 7.42
CA ASN A 179 -0.92 19.43 8.78
C ASN A 179 -2.08 18.80 9.53
N ARG A 180 -2.94 18.07 8.80
CA ARG A 180 -4.13 17.45 9.36
C ARG A 180 -3.98 15.94 9.24
N LEU A 181 -4.66 15.23 10.16
CA LEU A 181 -4.44 13.81 10.42
C LEU A 181 -5.73 13.24 11.02
N VAL A 182 -6.21 12.12 10.45
CA VAL A 182 -7.50 11.51 10.77
C VAL A 182 -7.25 10.20 11.54
N GLY A 183 -7.80 10.14 12.75
CA GLY A 183 -7.67 8.96 13.60
C GLY A 183 -8.91 8.08 13.55
N LEU A 184 -8.68 6.78 13.34
CA LEU A 184 -9.70 5.73 13.38
C LEU A 184 -9.18 4.61 14.28
N SER A 185 -10.10 4.03 15.08
CA SER A 185 -9.79 2.90 15.95
C SER A 185 -11.09 2.24 16.41
N VAL A 186 -11.14 0.91 16.30
CA VAL A 186 -12.32 0.13 16.64
C VAL A 186 -11.90 -1.09 17.45
N GLY A 187 -12.50 -1.25 18.63
CA GLY A 187 -12.34 -2.46 19.42
C GLY A 187 -10.96 -2.63 20.05
N GLN A 188 -10.16 -1.55 20.14
CA GLN A 188 -8.85 -1.56 20.79
C GLN A 188 -7.90 -2.62 20.22
N MET A 189 -7.82 -2.71 18.88
CA MET A 189 -6.89 -3.61 18.21
C MET A 189 -5.83 -2.76 17.50
N HIS A 190 -4.56 -2.93 17.90
CA HIS A 190 -3.43 -2.17 17.37
C HIS A 190 -3.33 -2.34 15.86
N VAL A 191 -3.11 -3.60 15.45
CA VAL A 191 -2.94 -3.97 14.06
C VAL A 191 -4.03 -4.99 13.70
N THR A 192 -4.79 -4.69 12.65
CA THR A 192 -5.80 -5.59 12.13
C THR A 192 -5.70 -5.60 10.62
N LYS A 193 -5.89 -6.76 10.00
CA LYS A 193 -6.00 -6.83 8.55
C LYS A 193 -7.48 -6.94 8.20
N LEU A 194 -7.95 -6.10 7.26
CA LEU A 194 -9.36 -6.07 6.94
C LEU A 194 -9.60 -6.85 5.65
N ALA A 195 -10.75 -7.56 5.59
CA ALA A 195 -11.17 -8.26 4.38
C ALA A 195 -11.33 -7.28 3.24
N GLU A 196 -12.26 -6.32 3.38
CA GLU A 196 -12.44 -5.19 2.48
C GLU A 196 -11.64 -4.00 2.99
N PRO A 197 -11.03 -3.19 2.11
CA PRO A 197 -10.30 -1.98 2.53
C PRO A 197 -11.29 -0.88 2.93
N LEU A 198 -10.91 -0.09 3.96
CA LEU A 198 -11.61 1.13 4.33
C LEU A 198 -11.07 2.26 3.47
N GLU A 199 -11.97 3.04 2.85
CA GLU A 199 -11.61 4.19 2.03
C GLU A 199 -11.78 5.47 2.85
N ILE A 200 -10.80 6.40 2.74
CA ILE A 200 -10.82 7.73 3.32
C ILE A 200 -10.65 8.72 2.17
N VAL A 201 -11.65 9.59 1.94
CA VAL A 201 -11.60 10.62 0.93
C VAL A 201 -11.11 11.92 1.57
N PHE A 202 -10.05 12.51 0.98
CA PHE A 202 -9.53 13.81 1.33
C PHE A 202 -9.82 14.81 0.22
N SER A 203 -10.46 15.93 0.57
CA SER A 203 -10.87 16.98 -0.37
C SER A 203 -9.83 18.10 -0.37
N HIS A 204 -9.25 18.38 -1.56
CA HIS A 204 -8.21 19.37 -1.77
C HIS A 204 -8.18 19.77 -3.25
N GLN A 205 -7.55 20.91 -3.54
CA GLN A 205 -7.32 21.37 -4.90
C GLN A 205 -6.05 20.71 -5.43
N ARG A 206 -6.01 20.46 -6.75
CA ARG A 206 -4.93 19.74 -7.41
C ARG A 206 -3.59 20.38 -7.04
N PRO A 207 -2.64 19.66 -6.40
CA PRO A 207 -1.34 20.23 -6.04
C PRO A 207 -0.50 20.60 -7.27
N PRO A 208 0.60 21.39 -7.10
CA PRO A 208 1.39 21.88 -8.25
C PRO A 208 2.05 20.74 -9.04
N PRO A 209 2.45 20.92 -10.31
CA PRO A 209 3.19 19.87 -11.03
C PRO A 209 4.54 19.59 -10.35
N ASN A 210 5.05 18.38 -10.58
CA ASN A 210 6.26 17.89 -9.93
C ASN A 210 6.06 17.88 -8.41
N MET A 211 4.90 17.36 -7.97
CA MET A 211 4.53 17.27 -6.56
C MET A 211 3.36 16.28 -6.40
N THR A 212 3.65 14.98 -6.26
CA THR A 212 2.62 13.96 -6.12
C THR A 212 2.13 13.94 -4.67
N LEU A 213 1.10 13.10 -4.41
CA LEU A 213 0.36 13.09 -3.17
C LEU A 213 0.00 11.64 -2.81
N THR A 214 0.80 11.02 -1.93
CA THR A 214 0.64 9.61 -1.56
C THR A 214 0.14 9.51 -0.12
N CYS A 215 -0.95 8.77 0.14
CA CYS A 215 -1.46 8.66 1.51
C CYS A 215 -0.86 7.48 2.26
N VAL A 216 -0.98 7.55 3.60
CA VAL A 216 -0.18 6.80 4.54
C VAL A 216 -0.93 6.66 5.86
N PHE A 217 -0.38 5.83 6.76
CA PHE A 217 -0.79 5.69 8.15
C PHE A 217 0.47 5.79 9.02
N TRP A 218 0.29 6.22 10.28
CA TRP A 218 1.40 6.30 11.22
C TRP A 218 1.70 4.91 11.75
N ASP A 219 2.62 4.20 11.09
CA ASP A 219 3.19 2.96 11.61
C ASP A 219 4.03 3.32 12.83
N VAL A 220 3.59 2.87 14.01
CA VAL A 220 4.24 3.12 15.30
C VAL A 220 5.68 2.59 15.29
N THR A 221 5.91 1.58 14.44
CA THR A 221 7.13 0.79 14.38
C THR A 221 7.74 0.81 12.98
N LYS A 222 7.74 1.98 12.29
CA LYS A 222 8.37 2.06 10.97
C LYS A 222 9.87 2.29 11.11
N GLY A 223 10.24 3.37 11.79
CA GLY A 223 11.64 3.64 12.10
C GLY A 223 11.86 3.75 13.60
N THR A 224 12.90 4.48 14.01
CA THR A 224 13.03 4.99 15.37
C THR A 224 11.98 6.08 15.61
N THR A 225 11.12 5.90 16.62
CA THR A 225 10.08 6.86 17.00
C THR A 225 8.86 6.81 16.05
N GLY A 226 8.77 5.76 15.22
CA GLY A 226 7.70 5.63 14.24
C GLY A 226 7.88 6.56 13.04
N ASP A 227 7.02 6.41 12.02
CA ASP A 227 7.05 7.15 10.76
C ASP A 227 5.83 6.78 9.91
N TRP A 228 5.54 7.58 8.87
CA TRP A 228 4.44 7.35 7.93
C TRP A 228 4.82 6.22 6.98
N SER A 229 3.85 5.31 6.72
CA SER A 229 4.01 4.21 5.78
C SER A 229 2.84 4.16 4.82
N SER A 230 3.11 3.78 3.56
CA SER A 230 2.12 3.65 2.50
C SER A 230 1.74 2.20 2.23
N GLU A 231 2.13 1.30 3.16
CA GLU A 231 1.95 -0.14 3.04
C GLU A 231 0.47 -0.49 3.16
N GLY A 232 -0.08 -1.08 2.08
CA GLY A 232 -1.45 -1.57 2.04
C GLY A 232 -2.48 -0.44 1.93
N CYS A 233 -2.04 0.69 1.36
CA CYS A 233 -2.84 1.89 1.15
C CYS A 233 -2.63 2.40 -0.26
N SER A 234 -3.60 2.10 -1.15
CA SER A 234 -3.60 2.54 -2.54
C SER A 234 -4.23 3.92 -2.62
N THR A 235 -3.60 4.81 -3.42
CA THR A 235 -4.01 6.20 -3.56
C THR A 235 -4.49 6.46 -4.99
N GLU A 236 -5.79 6.77 -5.14
CA GLU A 236 -6.39 7.25 -6.38
C GLU A 236 -6.56 8.76 -6.29
N VAL A 237 -5.98 9.49 -7.26
CA VAL A 237 -6.14 10.95 -7.36
C VAL A 237 -7.46 11.26 -8.07
N ARG A 238 -8.33 12.03 -7.38
CA ARG A 238 -9.60 12.50 -7.91
C ARG A 238 -9.39 13.93 -8.42
N PRO A 239 -10.34 14.51 -9.19
CA PRO A 239 -10.25 15.91 -9.57
C PRO A 239 -10.22 16.82 -8.35
N GLU A 240 -11.13 16.55 -7.39
CA GLU A 240 -11.36 17.40 -6.24
C GLU A 240 -10.95 16.69 -4.95
N GLY A 241 -9.81 15.99 -4.99
CA GLY A 241 -9.25 15.30 -3.83
C GLY A 241 -8.50 14.04 -4.20
N THR A 242 -8.37 13.12 -3.23
CA THR A 242 -7.78 11.79 -3.39
C THR A 242 -8.54 10.79 -2.53
N VAL A 243 -8.77 9.58 -3.07
CA VAL A 243 -9.38 8.46 -2.35
C VAL A 243 -8.26 7.53 -1.89
N CYS A 244 -8.41 6.98 -0.68
CA CYS A 244 -7.37 6.19 -0.03
C CYS A 244 -7.94 4.93 0.61
N CYS A 245 -7.88 3.81 -0.13
CA CYS A 245 -8.30 2.51 0.33
C CYS A 245 -7.13 1.84 1.05
N CYS A 246 -7.31 1.55 2.36
CA CYS A 246 -6.32 0.89 3.21
C CYS A 246 -6.92 -0.41 3.74
N ASP A 247 -6.17 -1.51 3.61
CA ASP A 247 -6.69 -2.82 3.95
C ASP A 247 -6.37 -3.17 5.40
N HIS A 248 -6.05 -2.15 6.21
CA HIS A 248 -5.69 -2.39 7.61
C HIS A 248 -6.30 -1.29 8.49
N LEU A 249 -6.55 -1.62 9.75
CA LEU A 249 -6.99 -0.64 10.72
C LEU A 249 -6.21 -0.85 12.03
N PRO B 28 28.80 -26.29 -15.89
CA PRO B 28 27.42 -26.48 -15.43
C PRO B 28 27.08 -25.63 -14.20
N ARG B 29 28.05 -25.48 -13.30
CA ARG B 29 27.86 -24.72 -12.06
C ARG B 29 28.11 -23.22 -12.30
N ASN B 30 28.70 -22.87 -13.44
CA ASN B 30 29.12 -21.52 -13.78
C ASN B 30 27.95 -20.63 -14.22
N THR B 31 26.80 -21.23 -14.52
CA THR B 31 25.64 -20.56 -15.11
C THR B 31 24.85 -19.76 -14.07
N CYS B 32 24.90 -20.20 -12.80
CA CYS B 32 24.18 -19.56 -11.71
C CYS B 32 24.95 -18.36 -11.14
N LEU B 33 26.23 -18.58 -10.80
CA LEU B 33 27.15 -17.53 -10.36
C LEU B 33 27.32 -16.53 -11.50
N GLY B 34 26.80 -15.31 -11.32
CA GLY B 34 26.93 -14.24 -12.29
C GLY B 34 25.83 -14.30 -13.35
N SER B 35 25.55 -13.15 -13.98
CA SER B 35 24.55 -12.98 -15.03
C SER B 35 25.21 -12.81 -16.39
N ASN B 36 24.40 -12.85 -17.45
CA ASN B 36 24.80 -12.63 -18.83
C ASN B 36 23.76 -11.74 -19.51
N ASN B 37 24.21 -10.98 -20.51
CA ASN B 37 23.38 -10.04 -21.24
C ASN B 37 22.37 -10.79 -22.12
N MET B 38 22.76 -12.01 -22.53
CA MET B 38 22.04 -12.82 -23.51
C MET B 38 20.78 -13.41 -22.88
N TYR B 39 19.65 -13.21 -23.57
CA TYR B 39 18.32 -13.69 -23.19
C TYR B 39 17.72 -14.50 -24.35
N ASP B 40 18.53 -15.37 -24.96
CA ASP B 40 18.08 -16.30 -25.98
C ASP B 40 17.28 -17.42 -25.32
N ILE B 41 16.41 -18.07 -26.10
CA ILE B 41 15.53 -19.12 -25.62
C ILE B 41 16.37 -20.21 -24.92
N PHE B 42 17.57 -20.48 -25.46
CA PHE B 42 18.55 -21.40 -24.91
C PHE B 42 19.07 -20.89 -23.56
N ASN B 43 19.54 -19.64 -23.55
CA ASN B 43 20.18 -18.99 -22.41
C ASN B 43 19.21 -18.88 -21.23
N LEU B 44 17.95 -18.49 -21.51
CA LEU B 44 16.89 -18.38 -20.52
C LEU B 44 16.75 -19.69 -19.75
N ASN B 45 16.64 -20.80 -20.49
CA ASN B 45 16.46 -22.13 -19.95
C ASN B 45 17.63 -22.52 -19.03
N ASP B 46 18.85 -22.17 -19.44
CA ASP B 46 20.07 -22.46 -18.68
C ASP B 46 20.00 -21.82 -17.29
N LYS B 47 19.50 -20.58 -17.24
CA LYS B 47 19.38 -19.79 -16.01
C LYS B 47 18.16 -20.19 -15.19
N ALA B 48 17.19 -20.85 -15.85
CA ALA B 48 15.97 -21.33 -15.22
C ALA B 48 16.26 -22.49 -14.28
N LEU B 49 17.43 -23.13 -14.47
CA LEU B 49 17.96 -24.15 -13.58
C LEU B 49 18.04 -23.59 -12.17
N CYS B 50 18.65 -22.40 -12.06
CA CYS B 50 19.05 -21.76 -10.81
C CYS B 50 17.87 -21.60 -9.86
N PHE B 51 16.65 -21.46 -10.43
CA PHE B 51 15.43 -21.27 -9.67
C PHE B 51 15.27 -22.35 -8.61
N THR B 52 15.67 -23.60 -8.94
CA THR B 52 15.53 -24.77 -8.10
C THR B 52 16.87 -25.20 -7.51
N LYS B 53 17.96 -24.92 -8.24
CA LYS B 53 19.32 -25.25 -7.86
C LYS B 53 19.74 -24.49 -6.60
N CYS B 54 19.20 -23.29 -6.39
CA CYS B 54 19.66 -22.43 -5.31
C CYS B 54 18.82 -22.56 -4.04
N ARG B 55 19.11 -23.60 -3.25
CA ARG B 55 18.44 -23.81 -1.98
C ARG B 55 18.89 -22.77 -0.96
N GLN B 56 18.10 -22.64 0.11
CA GLN B 56 18.39 -21.75 1.22
C GLN B 56 19.84 -21.92 1.68
N SER B 57 20.37 -23.15 1.55
CA SER B 57 21.72 -23.45 2.00
C SER B 57 22.73 -22.64 1.19
N GLY B 58 23.77 -22.13 1.86
CA GLY B 58 24.86 -21.46 1.18
C GLY B 58 25.49 -22.39 0.15
N SER B 59 25.66 -21.90 -1.07
CA SER B 59 26.16 -22.73 -2.16
C SER B 59 27.18 -21.97 -3.00
N ASP B 60 28.02 -22.73 -3.72
CA ASP B 60 29.03 -22.20 -4.62
C ASP B 60 28.30 -21.41 -5.70
N SER B 61 27.17 -22.00 -6.12
CA SER B 61 26.50 -21.71 -7.37
C SER B 61 25.69 -20.43 -7.30
N CYS B 62 25.14 -20.02 -6.15
CA CYS B 62 24.16 -18.96 -6.30
C CYS B 62 24.62 -17.53 -6.01
N ASN B 63 24.57 -16.71 -7.06
CA ASN B 63 24.74 -15.29 -6.88
C ASN B 63 23.33 -14.72 -6.93
N VAL B 64 22.66 -14.70 -5.77
CA VAL B 64 21.21 -14.51 -5.76
C VAL B 64 20.84 -13.21 -6.45
N GLU B 65 21.53 -12.13 -6.07
CA GLU B 65 21.26 -10.77 -6.51
C GLU B 65 21.58 -10.59 -7.99
N ASN B 66 22.58 -11.33 -8.51
CA ASN B 66 22.96 -11.31 -9.92
C ASN B 66 21.86 -11.93 -10.78
N LEU B 67 21.33 -13.07 -10.31
CA LEU B 67 20.32 -13.84 -11.03
C LEU B 67 18.99 -13.07 -11.09
N GLN B 68 18.54 -12.56 -9.93
CA GLN B 68 17.27 -11.85 -9.86
C GLN B 68 17.38 -10.47 -10.49
N ARG B 69 18.62 -10.01 -10.74
CA ARG B 69 18.89 -8.85 -11.57
C ARG B 69 18.66 -9.21 -13.04
N TYR B 70 19.25 -10.35 -13.46
CA TYR B 70 19.07 -10.93 -14.78
C TYR B 70 17.60 -10.97 -15.19
N TRP B 71 16.78 -11.64 -14.37
CA TRP B 71 15.34 -11.80 -14.59
C TRP B 71 14.63 -10.45 -14.61
N LEU B 72 15.07 -9.54 -13.73
CA LEU B 72 14.51 -8.19 -13.63
C LEU B 72 14.76 -7.40 -14.91
N ASN B 73 15.90 -7.66 -15.57
CA ASN B 73 16.34 -6.98 -16.78
C ASN B 73 15.75 -7.61 -18.04
N TYR B 74 15.11 -8.78 -17.91
CA TYR B 74 14.50 -9.47 -19.05
C TYR B 74 13.36 -8.64 -19.60
N GLU B 75 12.45 -8.19 -18.73
CA GLU B 75 11.32 -7.38 -19.15
C GLU B 75 11.80 -6.07 -19.78
N ALA B 76 12.99 -5.61 -19.39
CA ALA B 76 13.68 -4.50 -20.06
C ALA B 76 14.06 -4.91 -21.48
N HIS B 77 14.76 -6.04 -21.62
CA HIS B 77 15.18 -6.58 -22.91
C HIS B 77 14.02 -6.76 -23.88
N LEU B 78 12.85 -7.09 -23.34
CA LEU B 78 11.64 -7.26 -24.14
C LEU B 78 11.17 -5.90 -24.63
N MET B 79 11.21 -4.91 -23.73
CA MET B 79 10.79 -3.57 -24.07
C MET B 79 11.70 -2.97 -25.14
N LYS B 80 13.00 -3.29 -25.07
CA LYS B 80 13.98 -2.70 -25.96
C LYS B 80 13.66 -3.03 -27.41
N GLU B 81 13.30 -4.29 -27.68
CA GLU B 81 12.94 -4.68 -29.03
C GLU B 81 11.48 -4.31 -29.29
N GLY B 82 11.23 -3.61 -30.40
CA GLY B 82 9.89 -3.20 -30.75
C GLY B 82 9.16 -4.28 -31.53
N LEU B 83 8.90 -5.41 -30.88
CA LEU B 83 8.29 -6.53 -31.56
C LEU B 83 7.08 -7.06 -30.77
N THR B 84 5.96 -7.24 -31.48
CA THR B 84 4.83 -7.92 -30.88
C THR B 84 5.19 -9.40 -30.85
N GLN B 85 5.68 -9.88 -29.71
CA GLN B 85 6.15 -11.26 -29.61
C GLN B 85 5.51 -11.96 -28.41
N LYS B 86 5.39 -13.30 -28.51
CA LYS B 86 4.94 -14.17 -27.43
C LYS B 86 6.04 -15.19 -27.13
N VAL B 87 6.42 -15.31 -25.84
CA VAL B 87 7.29 -16.37 -25.34
C VAL B 87 6.46 -17.33 -24.48
N ASN B 88 6.82 -18.62 -24.51
CA ASN B 88 6.04 -19.66 -23.86
C ASN B 88 6.96 -20.83 -23.49
N THR B 89 7.80 -20.64 -22.46
CA THR B 89 8.61 -21.69 -21.86
C THR B 89 7.83 -22.28 -20.69
N PRO B 90 8.26 -23.42 -20.10
CA PRO B 90 7.53 -24.00 -18.96
C PRO B 90 7.61 -23.19 -17.66
N PHE B 91 8.52 -22.19 -17.62
CA PHE B 91 8.73 -21.32 -16.47
C PHE B 91 8.27 -19.87 -16.75
N LEU B 92 8.72 -19.30 -17.88
CA LEU B 92 8.50 -17.92 -18.25
C LEU B 92 7.51 -17.85 -19.43
N LYS B 93 6.38 -17.16 -19.24
CA LYS B 93 5.46 -16.79 -20.31
C LYS B 93 5.43 -15.27 -20.43
N ALA B 94 5.83 -14.75 -21.61
CA ALA B 94 5.98 -13.32 -21.87
C ALA B 94 5.07 -12.89 -23.02
N LEU B 95 4.42 -11.71 -22.88
CA LEU B 95 3.66 -11.02 -23.92
C LEU B 95 4.12 -9.57 -24.05
N VAL B 96 4.77 -9.24 -25.18
CA VAL B 96 5.07 -7.87 -25.59
C VAL B 96 4.11 -7.50 -26.72
N GLN B 97 3.46 -6.33 -26.62
CA GLN B 97 2.59 -5.79 -27.65
C GLN B 97 2.43 -4.28 -27.46
N ASN B 98 1.73 -3.63 -28.42
CA ASN B 98 1.48 -2.20 -28.43
C ASN B 98 0.04 -1.90 -28.03
N LEU B 99 -0.15 -0.82 -27.25
CA LEU B 99 -1.44 -0.32 -26.82
C LEU B 99 -1.72 1.01 -27.51
N SER B 100 -2.92 1.14 -28.10
CA SER B 100 -3.35 2.37 -28.75
C SER B 100 -3.84 3.37 -27.71
N THR B 101 -3.24 4.57 -27.72
CA THR B 101 -3.63 5.71 -26.90
C THR B 101 -4.99 6.21 -27.34
N ASN B 102 -5.75 6.81 -26.41
CA ASN B 102 -7.11 7.30 -26.62
C ASN B 102 -8.02 6.13 -27.02
N THR B 103 -7.93 5.03 -26.26
CA THR B 103 -8.74 3.84 -26.46
C THR B 103 -10.12 4.01 -25.79
N ALA B 104 -10.18 4.83 -24.74
CA ALA B 104 -11.38 5.09 -23.95
C ALA B 104 -11.93 3.79 -23.32
N GLU B 105 -11.02 2.88 -22.97
CA GLU B 105 -11.33 1.59 -22.38
C GLU B 105 -10.17 1.16 -21.49
N ASP B 106 -10.49 0.54 -20.34
CA ASP B 106 -9.52 -0.10 -19.47
C ASP B 106 -9.06 -1.41 -20.13
N PHE B 107 -7.74 -1.58 -20.28
CA PHE B 107 -7.14 -2.75 -20.90
C PHE B 107 -7.07 -3.91 -19.90
N TYR B 108 -7.72 -5.04 -20.26
CA TYR B 108 -7.71 -6.29 -19.51
C TYR B 108 -6.78 -7.30 -20.18
N PHE B 109 -6.13 -8.15 -19.37
CA PHE B 109 -5.22 -9.19 -19.83
C PHE B 109 -5.40 -10.46 -18.99
N SER B 110 -5.18 -11.63 -19.61
CA SER B 110 -5.39 -12.94 -19.01
C SER B 110 -4.06 -13.50 -18.49
N LEU B 111 -3.92 -13.49 -17.16
CA LEU B 111 -2.73 -13.98 -16.48
C LEU B 111 -2.93 -15.44 -16.05
N GLU B 112 -3.54 -16.24 -16.94
CA GLU B 112 -3.68 -17.67 -16.77
C GLU B 112 -2.28 -18.28 -16.78
N PRO B 113 -1.86 -18.99 -15.70
CA PRO B 113 -0.46 -19.36 -15.53
C PRO B 113 0.02 -20.38 -16.56
N SER B 114 -0.92 -21.19 -17.05
CA SER B 114 -0.70 -22.27 -18.02
C SER B 114 -0.27 -21.72 -19.37
N GLN B 115 -0.88 -20.60 -19.79
CA GLN B 115 -0.77 -20.05 -21.13
C GLN B 115 -0.19 -18.63 -21.09
N VAL B 116 0.47 -18.24 -22.19
CA VAL B 116 0.97 -16.89 -22.44
C VAL B 116 -0.17 -15.90 -22.26
N PRO B 117 0.06 -14.69 -21.70
CA PRO B 117 -1.03 -13.73 -21.50
C PRO B 117 -1.60 -13.24 -22.84
N ARG B 118 -2.89 -12.93 -22.84
CA ARG B 118 -3.63 -12.48 -24.01
C ARG B 118 -4.61 -11.36 -23.60
N GLN B 119 -4.79 -10.35 -24.46
CA GLN B 119 -5.70 -9.27 -24.16
C GLN B 119 -7.15 -9.79 -24.22
N VAL B 120 -7.95 -9.43 -23.21
CA VAL B 120 -9.33 -9.87 -23.17
C VAL B 120 -10.20 -8.83 -23.87
N MET B 121 -11.22 -9.30 -24.58
CA MET B 121 -12.15 -8.39 -25.21
C MET B 121 -13.33 -8.14 -24.27
N LYS B 122 -14.08 -7.06 -24.54
CA LYS B 122 -15.10 -6.55 -23.63
C LYS B 122 -16.20 -7.59 -23.39
N ASP B 123 -16.48 -8.40 -24.42
CA ASP B 123 -17.62 -9.31 -24.50
C ASP B 123 -17.25 -10.71 -24.02
N GLU B 124 -15.98 -10.89 -23.64
CA GLU B 124 -15.52 -12.15 -23.07
C GLU B 124 -15.70 -12.15 -21.57
N ASP B 125 -16.08 -13.31 -21.02
CA ASP B 125 -16.07 -13.53 -19.58
C ASP B 125 -14.69 -13.25 -19.01
N LYS B 126 -14.66 -12.51 -17.90
CA LYS B 126 -13.40 -12.09 -17.31
C LYS B 126 -12.68 -13.29 -16.71
N PRO B 127 -11.38 -13.47 -17.02
CA PRO B 127 -10.59 -14.59 -16.49
C PRO B 127 -10.34 -14.53 -14.98
N PRO B 128 -10.29 -15.68 -14.26
CA PRO B 128 -10.05 -15.67 -12.82
C PRO B 128 -8.75 -14.95 -12.49
N ASP B 129 -7.69 -15.21 -13.27
CA ASP B 129 -6.42 -14.51 -13.19
C ASP B 129 -6.35 -13.47 -14.31
N ARG B 130 -6.40 -12.18 -13.94
CA ARG B 130 -6.38 -11.06 -14.89
C ARG B 130 -5.71 -9.83 -14.27
N VAL B 131 -5.34 -8.87 -15.15
CA VAL B 131 -4.81 -7.57 -14.76
C VAL B 131 -5.52 -6.49 -15.59
N ARG B 132 -6.17 -5.54 -14.91
CA ARG B 132 -6.80 -4.36 -15.50
C ARG B 132 -5.85 -3.18 -15.38
N LEU B 133 -5.45 -2.61 -16.53
CA LEU B 133 -4.65 -1.41 -16.64
C LEU B 133 -5.55 -0.23 -17.01
N PRO B 134 -5.80 0.74 -16.09
CA PRO B 134 -6.70 1.87 -16.37
C PRO B 134 -6.23 2.71 -17.56
N LYS B 135 -7.15 3.49 -18.14
CA LYS B 135 -6.82 4.37 -19.24
C LYS B 135 -5.94 5.52 -18.72
N SER B 136 -5.76 5.57 -17.41
CA SER B 136 -4.99 6.63 -16.78
C SER B 136 -3.49 6.46 -17.05
N LEU B 137 -3.11 5.37 -17.75
CA LEU B 137 -1.71 5.07 -17.97
C LEU B 137 -1.04 6.14 -18.83
N PHE B 138 -1.77 6.66 -19.83
CA PHE B 138 -1.18 7.54 -20.82
C PHE B 138 -0.76 8.87 -20.20
N ARG B 139 -1.58 9.38 -19.28
CA ARG B 139 -1.31 10.64 -18.61
C ARG B 139 -0.02 10.54 -17.78
N SER B 140 0.34 9.32 -17.37
CA SER B 140 1.51 9.08 -16.53
C SER B 140 2.76 8.78 -17.36
N LEU B 141 2.79 9.22 -18.63
CA LEU B 141 3.88 8.98 -19.56
C LEU B 141 4.26 10.28 -20.28
N PRO B 142 5.57 10.53 -20.55
CA PRO B 142 6.01 11.78 -21.19
C PRO B 142 5.49 11.95 -22.62
N GLY B 143 5.05 13.18 -22.95
CA GLY B 143 4.64 13.57 -24.28
C GLY B 143 3.25 13.05 -24.64
N ASN B 144 2.61 13.67 -25.65
CA ASN B 144 1.34 13.22 -26.19
C ASN B 144 1.56 11.92 -26.97
N ARG B 145 1.25 10.79 -26.31
CA ARG B 145 1.51 9.43 -26.80
C ARG B 145 0.57 9.07 -27.93
N SER B 146 1.14 8.43 -28.97
CA SER B 146 0.39 7.83 -30.08
C SER B 146 0.18 6.35 -29.81
N VAL B 147 1.27 5.63 -29.51
CA VAL B 147 1.29 4.21 -29.20
C VAL B 147 2.41 3.96 -28.17
N VAL B 148 2.12 3.13 -27.16
CA VAL B 148 3.09 2.72 -26.14
C VAL B 148 3.21 1.20 -26.09
N ARG B 149 4.40 0.71 -25.71
CA ARG B 149 4.74 -0.70 -25.65
C ARG B 149 4.53 -1.23 -24.24
N LEU B 150 3.79 -2.35 -24.12
CA LEU B 150 3.49 -3.04 -22.86
C LEU B 150 4.12 -4.43 -22.91
N ALA B 151 4.62 -4.91 -21.75
CA ALA B 151 5.30 -6.19 -21.60
C ALA B 151 4.82 -6.92 -20.36
N VAL B 152 3.83 -7.81 -20.54
CA VAL B 152 3.23 -8.60 -19.48
C VAL B 152 3.90 -9.97 -19.45
N THR B 153 4.73 -10.22 -18.43
CA THR B 153 5.42 -11.49 -18.20
C THR B 153 4.89 -12.15 -16.93
N ILE B 154 4.95 -13.49 -16.88
CA ILE B 154 4.51 -14.29 -15.75
C ILE B 154 5.52 -15.41 -15.49
N LEU B 155 6.44 -15.13 -14.57
CA LEU B 155 7.64 -15.92 -14.28
C LEU B 155 7.36 -16.89 -13.13
N ASP B 156 7.85 -18.13 -13.27
CA ASP B 156 7.65 -19.12 -12.21
C ASP B 156 8.97 -19.32 -11.47
N ILE B 157 9.01 -18.85 -10.21
CA ILE B 157 10.25 -18.76 -9.43
C ILE B 157 10.79 -20.10 -8.92
N GLY B 158 9.94 -21.05 -8.50
CA GLY B 158 10.46 -22.29 -7.95
C GLY B 158 10.83 -22.15 -6.47
N PRO B 159 11.34 -23.21 -5.82
CA PRO B 159 11.56 -23.22 -4.36
C PRO B 159 12.84 -22.61 -3.83
N GLY B 160 13.74 -22.20 -4.73
CA GLY B 160 15.02 -21.60 -4.37
C GLY B 160 14.88 -20.16 -3.89
N THR B 161 16.03 -19.61 -3.46
CA THR B 161 16.15 -18.33 -2.76
C THR B 161 15.82 -17.15 -3.66
N LEU B 162 15.85 -17.37 -4.99
CA LEU B 162 15.55 -16.33 -5.96
C LEU B 162 14.15 -15.75 -5.74
N PHE B 163 14.05 -14.42 -5.67
CA PHE B 163 12.82 -13.66 -5.49
C PHE B 163 12.05 -14.14 -4.27
N LYS B 164 12.75 -14.25 -3.13
CA LYS B 164 12.12 -14.57 -1.88
C LYS B 164 12.49 -13.46 -0.92
N GLY B 165 13.80 -13.35 -0.70
CA GLY B 165 14.33 -12.23 0.06
C GLY B 165 14.30 -12.50 1.56
N PRO B 166 14.72 -11.51 2.37
CA PRO B 166 14.85 -11.67 3.82
C PRO B 166 13.53 -12.01 4.51
N ARG B 167 12.44 -11.39 4.05
CA ARG B 167 11.13 -11.56 4.68
C ARG B 167 10.65 -13.02 4.70
N LEU B 168 10.83 -13.75 3.59
CA LEU B 168 10.23 -15.07 3.48
C LEU B 168 11.26 -16.21 3.58
N GLY B 169 12.55 -15.87 3.49
CA GLY B 169 13.62 -16.83 3.73
C GLY B 169 13.44 -17.60 5.04
N LEU B 170 12.56 -17.06 5.90
CA LEU B 170 12.29 -17.61 7.22
C LEU B 170 11.69 -19.02 7.08
N GLY B 171 12.22 -19.95 7.88
CA GLY B 171 11.69 -21.30 7.94
C GLY B 171 10.28 -21.32 8.51
N ASP B 172 9.41 -22.15 7.91
CA ASP B 172 8.05 -22.41 8.37
C ASP B 172 7.19 -21.14 8.33
N GLY B 173 7.72 -20.05 7.77
CA GLY B 173 7.01 -18.78 7.73
C GLY B 173 6.11 -18.63 6.50
N SER B 174 6.68 -18.12 5.40
CA SER B 174 5.88 -17.50 4.36
C SER B 174 6.48 -17.75 2.96
N GLY B 175 5.69 -17.50 1.90
CA GLY B 175 6.20 -17.71 0.56
C GLY B 175 5.41 -16.99 -0.53
N VAL B 176 6.09 -16.74 -1.65
CA VAL B 176 5.40 -16.25 -2.83
C VAL B 176 4.39 -17.32 -3.17
N LEU B 177 3.12 -16.95 -3.22
CA LEU B 177 2.08 -17.94 -3.46
C LEU B 177 2.36 -18.57 -4.81
N ASN B 178 2.36 -19.91 -4.83
CA ASN B 178 2.50 -20.69 -6.05
C ASN B 178 3.85 -20.47 -6.72
N ASN B 179 4.81 -19.89 -5.98
CA ASN B 179 6.10 -19.52 -6.51
C ASN B 179 5.96 -18.84 -7.87
N ARG B 180 4.86 -18.09 -8.03
CA ARG B 180 4.55 -17.41 -9.29
C ARG B 180 4.56 -15.92 -9.05
N LEU B 181 4.87 -15.18 -10.12
CA LEU B 181 5.22 -13.77 -10.09
C LEU B 181 4.88 -13.16 -11.45
N VAL B 182 4.13 -12.06 -11.44
CA VAL B 182 3.55 -11.42 -12.63
C VAL B 182 4.29 -10.10 -12.89
N GLY B 183 4.90 -9.99 -14.07
CA GLY B 183 5.66 -8.82 -14.45
C GLY B 183 4.87 -7.92 -15.39
N LEU B 184 4.84 -6.61 -15.04
CA LEU B 184 4.26 -5.54 -15.84
C LEU B 184 5.29 -4.41 -15.98
N SER B 185 5.31 -3.80 -17.18
CA SER B 185 6.19 -2.68 -17.49
C SER B 185 5.73 -1.99 -18.78
N VAL B 186 5.69 -0.65 -18.75
CA VAL B 186 5.20 0.17 -19.85
C VAL B 186 6.17 1.32 -20.10
N GLY B 187 6.62 1.48 -21.35
CA GLY B 187 7.41 2.63 -21.79
C GLY B 187 8.76 2.77 -21.11
N GLN B 188 9.33 1.64 -20.63
CA GLN B 188 10.64 1.59 -19.99
C GLN B 188 10.70 2.50 -18.75
N MET B 189 9.69 2.38 -17.88
CA MET B 189 9.62 3.12 -16.61
C MET B 189 9.69 2.13 -15.44
N HIS B 190 10.40 2.52 -14.38
CA HIS B 190 10.73 1.67 -13.23
C HIS B 190 9.76 1.95 -12.07
N VAL B 191 9.85 3.16 -11.52
CA VAL B 191 9.02 3.64 -10.42
C VAL B 191 8.17 4.83 -10.92
N THR B 192 6.93 4.53 -11.35
CA THR B 192 6.02 5.54 -11.86
C THR B 192 4.66 5.42 -11.17
N LYS B 193 4.28 6.47 -10.43
CA LYS B 193 3.01 6.53 -9.71
C LYS B 193 1.87 6.73 -10.72
N LEU B 194 0.72 6.08 -10.48
CA LEU B 194 -0.42 6.09 -11.37
C LEU B 194 -1.57 6.89 -10.75
N ALA B 195 -2.34 7.59 -11.60
CA ALA B 195 -3.52 8.32 -11.18
C ALA B 195 -4.53 7.36 -10.57
N GLU B 196 -5.01 6.40 -11.39
CA GLU B 196 -5.83 5.29 -10.94
C GLU B 196 -4.94 4.09 -10.67
N PRO B 197 -5.26 3.25 -9.64
CA PRO B 197 -4.51 2.02 -9.39
C PRO B 197 -4.83 0.94 -10.42
N LEU B 198 -3.82 0.15 -10.79
CA LEU B 198 -3.98 -1.06 -11.58
C LEU B 198 -4.33 -2.20 -10.63
N GLU B 199 -5.39 -2.97 -10.95
CA GLU B 199 -5.79 -4.14 -10.18
C GLU B 199 -5.25 -5.40 -10.86
N ILE B 200 -4.72 -6.34 -10.05
CA ILE B 200 -4.32 -7.68 -10.46
C ILE B 200 -5.12 -8.67 -9.63
N VAL B 201 -5.93 -9.50 -10.30
CA VAL B 201 -6.70 -10.56 -9.65
C VAL B 201 -5.90 -11.86 -9.68
N PHE B 202 -5.72 -12.46 -8.50
CA PHE B 202 -5.10 -13.76 -8.31
C PHE B 202 -6.16 -14.77 -7.86
N SER B 203 -6.30 -15.88 -8.61
CA SER B 203 -7.28 -16.93 -8.35
C SER B 203 -6.63 -18.06 -7.55
N HIS B 204 -7.18 -18.36 -6.37
CA HIS B 204 -6.69 -19.37 -5.45
C HIS B 204 -7.81 -19.76 -4.49
N GLN B 205 -7.66 -20.93 -3.83
CA GLN B 205 -8.60 -21.36 -2.80
C GLN B 205 -8.18 -20.76 -1.47
N ARG B 206 -9.19 -20.53 -0.60
CA ARG B 206 -9.02 -19.87 0.69
C ARG B 206 -7.86 -20.52 1.45
N PRO B 207 -6.78 -19.77 1.80
CA PRO B 207 -5.66 -20.30 2.58
C PRO B 207 -6.05 -20.74 3.99
N PRO B 208 -5.19 -21.51 4.70
CA PRO B 208 -5.56 -22.05 6.01
C PRO B 208 -5.77 -20.96 7.06
N PRO B 209 -6.50 -21.22 8.18
CA PRO B 209 -6.60 -20.22 9.25
C PRO B 209 -5.23 -19.94 9.86
N ASN B 210 -5.11 -18.75 10.49
CA ASN B 210 -3.85 -18.27 11.04
C ASN B 210 -2.83 -18.14 9.90
N MET B 211 -3.24 -17.58 8.75
CA MET B 211 -2.39 -17.41 7.58
C MET B 211 -3.00 -16.38 6.62
N THR B 212 -2.60 -15.10 6.77
CA THR B 212 -3.02 -14.02 5.88
C THR B 212 -2.30 -14.12 4.54
N LEU B 213 -2.76 -13.29 3.59
CA LEU B 213 -2.33 -13.32 2.20
C LEU B 213 -2.28 -11.89 1.66
N THR B 214 -1.10 -11.25 1.74
CA THR B 214 -0.91 -9.85 1.38
C THR B 214 -0.08 -9.75 0.11
N CYS B 215 -0.56 -8.99 -0.90
CA CYS B 215 0.20 -8.84 -2.14
C CYS B 215 1.15 -7.65 -2.10
N VAL B 216 2.11 -7.69 -3.01
CA VAL B 216 3.36 -6.97 -2.95
C VAL B 216 3.91 -6.82 -4.37
N PHE B 217 4.97 -6.02 -4.47
CA PHE B 217 5.78 -5.85 -5.67
C PHE B 217 7.24 -6.00 -5.23
N TRP B 218 8.09 -6.44 -6.17
CA TRP B 218 9.51 -6.54 -5.91
C TRP B 218 10.14 -5.14 -6.01
N ASP B 219 10.18 -4.44 -4.86
CA ASP B 219 10.95 -3.22 -4.71
C ASP B 219 12.42 -3.57 -4.82
N VAL B 220 13.06 -3.09 -5.89
CA VAL B 220 14.46 -3.37 -6.20
C VAL B 220 15.36 -2.87 -5.06
N THR B 221 14.85 -1.88 -4.32
CA THR B 221 15.58 -1.13 -3.30
C THR B 221 14.87 -1.18 -1.94
N LYS B 222 14.32 -2.34 -1.54
CA LYS B 222 13.70 -2.45 -0.22
C LYS B 222 14.75 -2.76 0.83
N GLY B 223 15.49 -3.86 0.63
CA GLY B 223 16.61 -4.22 1.49
C GLY B 223 17.90 -4.29 0.68
N THR B 224 18.89 -5.03 1.18
CA THR B 224 20.04 -5.45 0.38
C THR B 224 19.58 -6.52 -0.60
N THR B 225 19.80 -6.29 -1.91
CA THR B 225 19.44 -7.22 -2.98
C THR B 225 17.94 -7.18 -3.29
N GLY B 226 17.23 -6.15 -2.80
CA GLY B 226 15.80 -6.01 -2.98
C GLY B 226 15.01 -6.93 -2.07
N ASP B 227 13.68 -6.74 -2.06
CA ASP B 227 12.71 -7.48 -1.25
C ASP B 227 11.28 -7.09 -1.65
N TRP B 228 10.28 -7.89 -1.24
CA TRP B 228 8.86 -7.64 -1.49
C TRP B 228 8.36 -6.52 -0.58
N SER B 229 7.58 -5.58 -1.15
CA SER B 229 6.96 -4.49 -0.41
C SER B 229 5.47 -4.40 -0.73
N SER B 230 4.66 -4.04 0.29
CA SER B 230 3.21 -3.89 0.18
C SER B 230 2.78 -2.43 0.08
N GLU B 231 3.74 -1.54 -0.19
CA GLU B 231 3.57 -0.09 -0.23
C GLU B 231 2.74 0.31 -1.44
N GLY B 232 1.57 0.91 -1.17
CA GLY B 232 0.68 1.43 -2.20
C GLY B 232 -0.08 0.33 -2.94
N CYS B 233 -0.26 -0.81 -2.25
CA CYS B 233 -0.96 -1.98 -2.76
C CYS B 233 -1.93 -2.50 -1.70
N SER B 234 -3.22 -2.18 -1.89
CA SER B 234 -4.29 -2.65 -1.04
C SER B 234 -4.76 -4.03 -1.51
N THR B 235 -4.96 -4.95 -0.55
CA THR B 235 -5.33 -6.34 -0.82
C THR B 235 -6.72 -6.63 -0.28
N GLU B 236 -7.67 -6.90 -1.19
CA GLU B 236 -9.02 -7.32 -0.88
C GLU B 236 -9.12 -8.83 -1.12
N VAL B 237 -9.54 -9.58 -0.09
CA VAL B 237 -9.74 -11.03 -0.17
C VAL B 237 -11.12 -11.31 -0.77
N ARG B 238 -11.12 -12.07 -1.88
CA ARG B 238 -12.32 -12.50 -2.59
C ARG B 238 -12.65 -13.92 -2.15
N PRO B 239 -13.85 -14.47 -2.47
CA PRO B 239 -14.13 -15.87 -2.18
C PRO B 239 -13.17 -16.81 -2.91
N GLU B 240 -12.94 -16.54 -4.20
CA GLU B 240 -12.17 -17.40 -5.07
C GLU B 240 -10.88 -16.70 -5.52
N GLY B 241 -10.21 -16.01 -4.59
CA GLY B 241 -8.95 -15.33 -4.87
C GLY B 241 -8.76 -14.07 -4.03
N THR B 242 -7.92 -13.14 -4.52
CA THR B 242 -7.69 -11.83 -3.95
C THR B 242 -7.52 -10.80 -5.08
N VAL B 243 -8.05 -9.59 -4.89
CA VAL B 243 -7.85 -8.46 -5.78
C VAL B 243 -6.76 -7.57 -5.18
N CYS B 244 -5.90 -7.00 -6.05
CA CYS B 244 -4.73 -6.24 -5.64
C CYS B 244 -4.59 -4.96 -6.45
N CYS B 245 -5.13 -3.85 -5.90
CA CYS B 245 -5.03 -2.53 -6.50
C CYS B 245 -3.73 -1.86 -6.02
N CYS B 246 -2.83 -1.57 -6.98
CA CYS B 246 -1.54 -0.92 -6.74
C CYS B 246 -1.48 0.39 -7.52
N ASP B 247 -1.09 1.48 -6.84
CA ASP B 247 -1.15 2.80 -7.44
C ASP B 247 0.18 3.14 -8.10
N HIS B 248 1.01 2.14 -8.37
CA HIS B 248 2.31 2.36 -8.97
C HIS B 248 2.61 1.28 -10.02
N LEU B 249 3.46 1.63 -10.99
CA LEU B 249 3.92 0.65 -11.95
C LEU B 249 5.45 0.80 -12.13
N THR C 250 -4.92 4.16 15.05
CA THR C 250 -4.29 4.27 13.72
C THR C 250 -4.56 5.67 13.14
N PHE C 251 -3.49 6.46 13.06
CA PHE C 251 -3.55 7.78 12.45
C PHE C 251 -3.43 7.64 10.94
N PHE C 252 -4.18 8.47 10.20
CA PHE C 252 -4.17 8.41 8.75
C PHE C 252 -4.05 9.80 8.16
N ALA C 253 -3.28 9.90 7.06
CA ALA C 253 -2.98 11.20 6.47
C ALA C 253 -2.49 11.06 5.03
N LEU C 254 -2.83 12.08 4.25
CA LEU C 254 -2.31 12.29 2.91
C LEU C 254 -0.98 13.04 3.03
N LEU C 255 -0.02 12.74 2.16
CA LEU C 255 1.35 13.19 2.32
C LEU C 255 1.88 13.78 1.00
N LEU C 256 2.05 15.12 0.96
CA LEU C 256 2.74 15.79 -0.15
C LEU C 256 4.17 15.28 -0.22
N ARG C 257 4.72 15.22 -1.45
CA ARG C 257 5.99 14.59 -1.72
C ARG C 257 6.46 15.03 -3.11
N PRO C 258 7.67 15.61 -3.24
CA PRO C 258 8.16 16.08 -4.55
C PRO C 258 8.52 14.91 -5.45
N THR C 259 8.12 15.02 -6.73
CA THR C 259 8.27 13.98 -7.74
C THR C 259 9.74 13.73 -8.04
N LEU C 260 10.18 12.46 -7.84
CA LEU C 260 11.54 11.96 -7.97
C LEU C 260 11.82 11.61 -9.43
N THR D 250 8.38 -4.23 -13.18
CA THR D 250 7.82 -4.33 -11.82
C THR D 250 7.15 -5.69 -11.68
N PHE D 251 7.74 -6.51 -10.81
CA PHE D 251 7.21 -7.83 -10.50
C PHE D 251 6.12 -7.69 -9.44
N PHE D 252 5.04 -8.48 -9.60
CA PHE D 252 3.93 -8.41 -8.66
C PHE D 252 3.51 -9.81 -8.24
N ALA D 253 3.25 -9.95 -6.94
CA ALA D 253 2.98 -11.26 -6.37
C ALA D 253 2.21 -11.18 -5.06
N LEU D 254 1.41 -12.22 -4.82
CA LEU D 254 0.70 -12.42 -3.58
C LEU D 254 1.62 -13.16 -2.62
N LEU D 255 1.54 -12.86 -1.32
CA LEU D 255 2.52 -13.34 -0.35
C LEU D 255 1.85 -13.91 0.90
N LEU D 256 1.82 -15.25 1.01
CA LEU D 256 1.40 -15.95 2.22
C LEU D 256 2.34 -15.58 3.36
N ARG D 257 1.79 -15.55 4.59
CA ARG D 257 2.43 -15.03 5.78
C ARG D 257 1.55 -15.40 6.99
N PRO D 258 2.11 -16.00 8.06
CA PRO D 258 1.34 -16.37 9.24
C PRO D 258 0.94 -15.14 10.04
N THR D 259 -0.34 -15.13 10.49
CA THR D 259 -1.01 -13.99 11.11
C THR D 259 -0.33 -13.62 12.43
N LEU D 260 0.15 -12.37 12.52
CA LEU D 260 0.81 -11.80 13.69
C LEU D 260 -0.24 -11.20 14.63
#